data_2YHD
#
_entry.id   2YHD
#
_cell.length_a   57.530
_cell.length_b   66.750
_cell.length_c   73.680
_cell.angle_alpha   90.00
_cell.angle_beta   90.00
_cell.angle_gamma   90.00
#
_symmetry.space_group_name_H-M   'P 21 21 21'
#
loop_
_entity.id
_entity.type
_entity.pdbx_description
1 polymer 'ANDROGEN RECEPTOR'
2 non-polymer 'SULFATE ION'
3 non-polymer TESTOSTERONE
4 non-polymer 4-(2,3-dihydro-1H-perimidin-2-yl)benzene-1,2-diol
5 water water
#
_entity_poly.entity_id   1
_entity_poly.type   'polypeptide(L)'
_entity_poly.pdbx_seq_one_letter_code
;PIFLNVLEAIEPGVVCAGHDNNQPDSFAALLSSLNELGERQLVHVVKWAKALPGFRNLHVDDQMAVIQYSWMGLMVFAMG
WRSFTNVNSRMLYFAPDLVFNEYRMHKSRMYSQCVRMRHLSQEFGWLQITPQEFLCMKALLLFSIIPVDGLKNQKFFDEL
RMNYIKELDRIIACKRKNPTSCSRRFYQLTKLLDSVQPIARELHQFTFDLLIKSHMVSVDFPEMMAEIISVQVPKILSGK
VKPIYFHTQ
;
_entity_poly.pdbx_strand_id   A
#
loop_
_chem_comp.id
_chem_comp.type
_chem_comp.name
_chem_comp.formula
AV6 non-polymer 4-(2,3-dihydro-1H-perimidin-2-yl)benzene-1,2-diol 'C17 H14 N2 O2'
SO4 non-polymer 'SULFATE ION' 'O4 S -2'
TES non-polymer TESTOSTERONE 'C19 H28 O2'
#
# COMPACT_ATOMS: atom_id res chain seq x y z
N PRO A 1 -13.87 17.61 -12.78
CA PRO A 1 -12.73 17.37 -11.92
C PRO A 1 -13.15 17.04 -10.47
N ILE A 2 -14.44 16.77 -10.23
CA ILE A 2 -14.94 16.45 -8.90
C ILE A 2 -14.24 15.24 -8.26
N PHE A 3 -14.23 14.08 -8.91
CA PHE A 3 -13.56 12.91 -8.30
C PHE A 3 -12.09 13.19 -7.89
N LEU A 4 -11.35 13.84 -8.79
CA LEU A 4 -9.97 14.27 -8.53
C LEU A 4 -9.78 15.33 -7.45
N ASN A 5 -10.63 16.36 -7.44
CA ASN A 5 -10.65 17.33 -6.34
C ASN A 5 -10.75 16.56 -5.00
N VAL A 6 -11.64 15.55 -4.92
CA VAL A 6 -11.86 14.88 -3.62
C VAL A 6 -10.59 14.07 -3.22
N LEU A 7 -10.06 13.32 -4.20
CA LEU A 7 -8.86 12.53 -3.96
C LEU A 7 -7.66 13.40 -3.53
N GLU A 8 -7.49 14.57 -4.15
CA GLU A 8 -6.46 15.52 -3.69
C GLU A 8 -6.79 16.12 -2.33
N ALA A 9 -8.07 16.40 -2.02
CA ALA A 9 -8.40 16.95 -0.67
C ALA A 9 -8.17 16.02 0.53
N ILE A 10 -8.42 14.71 0.37
CA ILE A 10 -8.39 13.79 1.53
C ILE A 10 -7.04 13.11 1.73
N GLU A 11 -6.07 13.41 0.87
CA GLU A 11 -4.76 12.76 0.88
C GLU A 11 -3.99 13.06 2.18
N PRO A 12 -3.55 12.01 2.96
CA PRO A 12 -2.83 12.23 4.21
C PRO A 12 -1.61 13.09 4.03
N GLY A 13 -1.29 13.84 5.08
CA GLY A 13 0.01 14.54 5.11
C GLY A 13 1.12 13.62 5.63
N VAL A 14 2.15 14.24 6.17
CA VAL A 14 3.34 13.55 6.58
C VAL A 14 3.01 12.82 7.84
N VAL A 15 3.34 11.53 7.93
CA VAL A 15 3.29 10.74 9.17
C VAL A 15 4.73 10.36 9.70
N CYS A 16 5.07 10.73 10.94
CA CYS A 16 6.41 10.50 11.51
C CYS A 16 6.40 9.17 12.23
N ALA A 17 7.53 8.46 12.23
CA ALA A 17 7.60 7.15 12.88
C ALA A 17 7.79 7.23 14.40
N GLY A 18 8.37 8.34 14.86
CA GLY A 18 8.81 8.52 16.25
C GLY A 18 10.11 7.79 16.59
N HIS A 19 10.84 7.35 15.56
CA HIS A 19 12.12 6.68 15.75
C HIS A 19 13.17 7.62 16.36
N ASP A 20 13.96 7.10 17.33
CA ASP A 20 15.06 7.86 17.95
C ASP A 20 16.33 7.57 17.17
N ASN A 21 16.66 8.47 16.26
CA ASN A 21 17.81 8.29 15.38
C ASN A 21 19.19 8.26 16.07
N ASN A 22 19.20 8.56 17.38
CA ASN A 22 20.42 8.48 18.17
C ASN A 22 20.80 7.10 18.66
N GLN A 23 19.80 6.20 18.79
CA GLN A 23 20.04 4.78 19.01
C GLN A 23 20.82 4.25 17.80
N PRO A 24 21.70 3.27 18.02
CA PRO A 24 22.26 2.53 16.87
C PRO A 24 21.18 1.73 16.11
N ASP A 25 21.39 1.65 14.80
CA ASP A 25 20.58 0.86 13.91
C ASP A 25 20.75 -0.59 14.33
N SER A 26 19.79 -1.16 15.04
CA SER A 26 19.72 -2.61 15.27
C SER A 26 18.44 -3.14 14.63
N PHE A 27 18.33 -4.47 14.49
CA PHE A 27 17.08 -5.14 14.07
C PHE A 27 15.87 -4.81 14.98
N ALA A 28 16.02 -5.07 16.27
CA ALA A 28 14.99 -4.75 17.22
C ALA A 28 14.46 -3.31 17.02
N ALA A 29 15.40 -2.36 16.96
CA ALA A 29 15.08 -0.95 16.98
C ALA A 29 14.46 -0.49 15.64
N LEU A 30 14.98 -1.00 14.54
CA LEU A 30 14.46 -0.63 13.23
C LEU A 30 13.04 -1.16 13.04
N LEU A 31 12.81 -2.44 13.40
CA LEU A 31 11.52 -3.09 13.12
C LEU A 31 10.42 -2.63 14.09
N SER A 32 10.77 -2.31 15.35
CA SER A 32 9.84 -1.72 16.30
C SER A 32 9.37 -0.35 15.85
N SER A 33 10.27 0.45 15.28
CA SER A 33 9.89 1.74 14.74
C SER A 33 8.98 1.63 13.49
N LEU A 34 9.24 0.62 12.62
CA LEU A 34 8.47 0.33 11.39
C LEU A 34 7.07 -0.06 11.78
N ASN A 35 6.98 -0.96 12.77
CA ASN A 35 5.72 -1.37 13.42
C ASN A 35 4.93 -0.20 14.05
N GLU A 36 5.60 0.70 14.74
CA GLU A 36 4.89 1.89 15.29
C GLU A 36 4.38 2.78 14.16
N LEU A 37 5.22 2.98 13.14
CA LEU A 37 4.86 3.70 11.97
C LEU A 37 3.65 3.03 11.27
N GLY A 38 3.64 1.71 11.12
CA GLY A 38 2.50 1.06 10.52
C GLY A 38 1.28 1.39 11.34
N GLU A 39 1.41 1.33 12.67
CA GLU A 39 0.26 1.59 13.54
C GLU A 39 -0.31 3.02 13.41
N ARG A 40 0.59 4.00 13.23
CA ARG A 40 0.18 5.40 13.07
C ARG A 40 -0.46 5.62 11.69
N GLN A 41 0.18 5.08 10.65
CA GLN A 41 -0.43 5.12 9.33
C GLN A 41 -1.81 4.46 9.21
N LEU A 42 -2.10 3.44 10.01
CA LEU A 42 -3.43 2.77 10.04
C LEU A 42 -4.53 3.76 10.42
N VAL A 43 -4.35 4.53 11.48
CA VAL A 43 -5.26 5.63 11.83
C VAL A 43 -5.53 6.50 10.60
N HIS A 44 -4.52 6.89 9.86
CA HIS A 44 -4.79 7.81 8.78
C HIS A 44 -5.43 7.12 7.61
N VAL A 45 -5.08 5.85 7.39
CA VAL A 45 -5.68 5.05 6.31
C VAL A 45 -7.22 4.95 6.56
N VAL A 46 -7.60 4.68 7.81
CA VAL A 46 -8.97 4.48 8.15
C VAL A 46 -9.78 5.75 7.83
N LYS A 47 -9.31 6.89 8.30
CA LYS A 47 -9.96 8.18 8.04
C LYS A 47 -10.01 8.58 6.58
N TRP A 48 -8.99 8.20 5.80
CA TRP A 48 -8.91 8.48 4.38
C TRP A 48 -9.92 7.56 3.59
N ALA A 49 -9.89 6.26 3.89
CA ALA A 49 -10.77 5.27 3.29
C ALA A 49 -12.21 5.73 3.46
N LYS A 50 -12.58 6.04 4.69
CA LYS A 50 -13.95 6.51 4.97
C LYS A 50 -14.39 7.86 4.26
N ALA A 51 -13.47 8.72 3.84
CA ALA A 51 -13.84 9.97 3.12
C ALA A 51 -13.85 9.78 1.63
N LEU A 52 -13.58 8.55 1.18
CA LEU A 52 -13.46 8.32 -0.25
C LEU A 52 -14.84 8.30 -0.93
N PRO A 53 -14.91 8.71 -2.23
CA PRO A 53 -16.25 8.64 -2.84
C PRO A 53 -16.89 7.23 -2.85
N GLY A 54 -18.12 7.11 -2.33
CA GLY A 54 -18.84 5.81 -2.38
C GLY A 54 -18.47 4.77 -1.32
N PHE A 55 -17.42 5.06 -0.55
CA PHE A 55 -16.92 4.06 0.37
C PHE A 55 -17.92 3.62 1.40
N ARG A 56 -18.68 4.58 1.95
CA ARG A 56 -19.65 4.28 3.04
C ARG A 56 -20.89 3.50 2.54
N ASN A 57 -21.09 3.45 1.23
CA ASN A 57 -22.14 2.58 0.69
C ASN A 57 -21.83 1.08 0.87
N LEU A 58 -20.57 0.73 1.08
CA LEU A 58 -20.25 -0.65 1.35
C LEU A 58 -20.84 -1.01 2.69
N HIS A 59 -21.13 -2.31 2.84
CA HIS A 59 -21.56 -2.79 4.12
C HIS A 59 -20.43 -2.58 5.14
N VAL A 60 -20.83 -2.29 6.38
CA VAL A 60 -19.93 -1.81 7.43
C VAL A 60 -18.85 -2.81 7.91
N ASP A 61 -19.17 -4.11 7.85
CA ASP A 61 -18.19 -5.18 8.14
C ASP A 61 -17.22 -5.24 7.00
N ASP A 62 -17.71 -4.93 5.80
CA ASP A 62 -16.90 -4.99 4.61
C ASP A 62 -15.90 -3.85 4.54
N GLN A 63 -16.27 -2.71 5.13
CA GLN A 63 -15.44 -1.54 5.17
C GLN A 63 -14.22 -1.89 6.05
N MET A 64 -14.44 -2.49 7.20
CA MET A 64 -13.35 -3.01 8.04
C MET A 64 -12.45 -4.05 7.36
N ALA A 65 -13.05 -4.90 6.55
CA ALA A 65 -12.36 -6.00 5.91
C ALA A 65 -11.43 -5.48 4.80
N VAL A 66 -11.93 -4.62 3.90
CA VAL A 66 -11.07 -4.20 2.79
C VAL A 66 -9.86 -3.41 3.29
N ILE A 67 -10.05 -2.60 4.31
CA ILE A 67 -8.96 -1.89 4.91
C ILE A 67 -7.91 -2.86 5.60
N GLN A 68 -8.38 -3.78 6.46
CA GLN A 68 -7.51 -4.74 7.14
C GLN A 68 -6.84 -5.75 6.19
N TYR A 69 -7.36 -5.86 4.95
CA TYR A 69 -6.65 -6.65 3.94
C TYR A 69 -5.67 -5.85 3.08
N SER A 70 -5.97 -4.59 2.79
CA SER A 70 -5.20 -3.98 1.78
C SER A 70 -4.19 -2.98 2.31
N TRP A 71 -4.13 -2.75 3.61
CA TRP A 71 -3.25 -1.74 4.16
C TRP A 71 -1.79 -1.89 3.71
N MET A 72 -1.29 -3.12 3.65
CA MET A 72 0.13 -3.36 3.29
C MET A 72 0.46 -2.84 1.90
N GLY A 73 -0.41 -3.16 0.92
CA GLY A 73 -0.24 -2.70 -0.46
C GLY A 73 -0.36 -1.18 -0.52
N LEU A 74 -1.37 -0.60 0.10
CA LEU A 74 -1.55 0.87 0.05
C LEU A 74 -0.32 1.60 0.58
N MET A 75 0.16 1.22 1.79
CA MET A 75 1.34 1.84 2.36
C MET A 75 2.63 1.58 1.60
N VAL A 76 2.83 0.38 1.04
CA VAL A 76 4.03 0.13 0.18
C VAL A 76 3.99 1.05 -1.04
N PHE A 77 2.83 1.13 -1.65
CA PHE A 77 2.72 1.99 -2.83
C PHE A 77 3.03 3.48 -2.48
N ALA A 78 2.38 4.00 -1.44
CA ALA A 78 2.55 5.41 -1.05
C ALA A 78 3.99 5.69 -0.68
N MET A 79 4.59 4.74 0.04
CA MET A 79 6.00 4.86 0.42
C MET A 79 6.94 4.94 -0.82
N GLY A 80 6.60 4.20 -1.88
CA GLY A 80 7.38 4.18 -3.10
C GLY A 80 7.23 5.53 -3.79
N TRP A 81 6.01 6.06 -3.82
CA TRP A 81 5.79 7.40 -4.27
C TRP A 81 6.59 8.43 -3.46
N ARG A 82 6.58 8.37 -2.13
CA ARG A 82 7.39 9.31 -1.33
C ARG A 82 8.88 9.18 -1.61
N SER A 83 9.36 7.96 -1.74
CA SER A 83 10.75 7.73 -2.05
C SER A 83 11.09 8.39 -3.34
N PHE A 84 10.23 8.20 -4.33
CA PHE A 84 10.44 8.79 -5.64
C PHE A 84 10.46 10.33 -5.58
N THR A 85 9.45 10.95 -4.98
CA THR A 85 9.40 12.42 -4.97
C THR A 85 10.42 13.13 -4.02
N ASN A 86 10.97 12.42 -3.03
CA ASN A 86 11.82 13.06 -2.01
C ASN A 86 13.30 12.80 -2.15
N VAL A 87 13.64 11.60 -2.60
CA VAL A 87 15.04 11.18 -2.75
C VAL A 87 15.30 10.54 -4.14
N ASN A 88 14.52 10.93 -5.14
CA ASN A 88 14.48 10.26 -6.47
C ASN A 88 14.74 8.76 -6.41
N SER A 89 14.07 8.08 -5.45
CA SER A 89 14.06 6.60 -5.27
C SER A 89 15.36 5.96 -4.80
N ARG A 90 16.37 6.79 -4.45
CA ARG A 90 17.73 6.32 -4.10
C ARG A 90 17.70 5.55 -2.72
N MET A 91 16.79 5.95 -1.82
CA MET A 91 16.61 5.32 -0.50
C MET A 91 15.11 5.12 -0.24
N LEU A 92 14.74 4.40 0.81
CA LEU A 92 13.35 4.17 1.13
C LEU A 92 12.87 5.10 2.21
N TYR A 93 11.98 6.01 1.82
CA TYR A 93 11.50 7.09 2.69
C TYR A 93 10.20 6.71 3.41
N PHE A 94 10.35 5.76 4.31
CA PHE A 94 9.29 5.35 5.18
C PHE A 94 8.65 6.56 5.84
N ALA A 95 9.46 7.44 6.42
CA ALA A 95 9.00 8.66 7.08
C ALA A 95 10.20 9.69 7.17
N PRO A 96 9.93 10.99 7.47
CA PRO A 96 11.05 11.95 7.58
C PRO A 96 12.14 11.52 8.58
N ASP A 97 11.72 10.86 9.67
CA ASP A 97 12.61 10.36 10.70
C ASP A 97 13.00 8.88 10.58
N LEU A 98 12.67 8.20 9.48
CA LEU A 98 13.00 6.77 9.32
C LEU A 98 13.27 6.47 7.84
N VAL A 99 14.39 6.98 7.34
CA VAL A 99 14.77 6.82 5.95
C VAL A 99 15.84 5.71 5.87
N PHE A 100 15.64 4.68 5.02
CA PHE A 100 16.56 3.55 4.98
C PHE A 100 17.58 3.82 3.88
N ASN A 101 18.86 3.86 4.29
CA ASN A 101 19.99 3.71 3.37
C ASN A 101 20.35 2.22 3.24
N GLU A 102 21.51 1.90 2.66
CA GLU A 102 21.79 0.50 2.37
C GLU A 102 22.08 -0.31 3.64
N TYR A 103 22.69 0.39 4.62
CA TYR A 103 23.06 -0.22 5.88
C TYR A 103 21.81 -0.60 6.67
N ARG A 104 20.88 0.35 6.86
CA ARG A 104 19.54 0.00 7.40
C ARG A 104 18.82 -1.16 6.67
N MET A 105 18.86 -1.17 5.34
CA MET A 105 18.34 -2.28 4.54
C MET A 105 18.94 -3.63 4.93
N HIS A 106 20.27 -3.71 5.03
CA HIS A 106 20.89 -4.93 5.60
C HIS A 106 20.51 -5.22 7.06
N LYS A 107 20.51 -4.23 7.95
CA LYS A 107 20.27 -4.49 9.40
C LYS A 107 18.82 -4.87 9.70
N SER A 108 17.91 -4.34 8.88
CA SER A 108 16.45 -4.65 9.04
C SER A 108 16.16 -6.10 8.73
N ARG A 109 17.14 -6.77 8.10
CA ARG A 109 17.06 -8.15 7.64
C ARG A 109 15.96 -8.36 6.58
N MET A 110 15.61 -7.29 5.88
CA MET A 110 14.64 -7.40 4.81
C MET A 110 15.25 -6.90 3.56
N TYR A 111 16.53 -7.22 3.36
CA TYR A 111 17.23 -6.53 2.30
C TYR A 111 16.60 -6.77 0.92
N SER A 112 16.33 -8.02 0.56
CA SER A 112 15.76 -8.31 -0.78
C SER A 112 14.37 -7.68 -1.03
N GLN A 113 13.50 -7.68 -0.02
CA GLN A 113 12.21 -6.95 -0.05
C GLN A 113 12.38 -5.45 -0.27
N CYS A 114 13.33 -4.85 0.46
CA CYS A 114 13.68 -3.46 0.26
C CYS A 114 14.14 -3.21 -1.18
N VAL A 115 14.95 -4.10 -1.73
CA VAL A 115 15.39 -3.91 -3.11
C VAL A 115 14.16 -3.87 -4.03
N ARG A 116 13.23 -4.81 -3.83
CA ARG A 116 12.01 -4.87 -4.66
C ARG A 116 11.13 -3.60 -4.46
N MET A 117 11.06 -3.13 -3.22
CA MET A 117 10.44 -1.82 -2.97
C MET A 117 11.18 -0.67 -3.66
N ARG A 118 12.53 -0.71 -3.75
CA ARG A 118 13.18 0.42 -4.40
C ARG A 118 12.82 0.38 -5.90
N HIS A 119 12.80 -0.85 -6.47
CA HIS A 119 12.38 -1.12 -7.86
C HIS A 119 10.96 -0.55 -8.18
N LEU A 120 10.00 -0.82 -7.31
CA LEU A 120 8.67 -0.23 -7.40
C LEU A 120 8.77 1.27 -7.36
N SER A 121 9.44 1.80 -6.33
CA SER A 121 9.71 3.22 -6.28
C SER A 121 10.19 3.80 -7.63
N GLN A 122 11.17 3.19 -8.29
CA GLN A 122 11.74 3.68 -9.55
C GLN A 122 10.81 3.62 -10.77
N GLU A 123 9.94 2.61 -10.84
CA GLU A 123 8.85 2.64 -11.82
C GLU A 123 8.07 3.96 -11.88
N PHE A 124 7.91 4.69 -10.78
CA PHE A 124 7.22 5.97 -10.86
C PHE A 124 7.97 6.93 -11.79
N GLY A 125 9.30 6.91 -11.64
CA GLY A 125 10.21 7.64 -12.50
C GLY A 125 10.21 7.12 -13.92
N TRP A 126 10.44 5.81 -14.12
CA TRP A 126 10.51 5.23 -15.47
C TRP A 126 9.22 5.42 -16.24
N LEU A 127 8.05 5.37 -15.56
CA LEU A 127 6.76 5.51 -16.26
C LEU A 127 6.26 6.94 -16.35
N GLN A 128 6.97 7.86 -15.68
CA GLN A 128 6.58 9.28 -15.63
C GLN A 128 5.16 9.41 -15.08
N ILE A 129 4.91 8.69 -13.99
CA ILE A 129 3.60 8.70 -13.32
C ILE A 129 3.25 10.10 -12.83
N THR A 130 2.06 10.57 -13.16
CA THR A 130 1.65 11.90 -12.73
C THR A 130 1.02 11.83 -11.31
N PRO A 131 0.99 12.96 -10.56
CA PRO A 131 0.31 12.93 -9.26
C PRO A 131 -1.17 12.45 -9.33
N GLN A 132 -1.90 12.84 -10.39
CA GLN A 132 -3.29 12.38 -10.61
C GLN A 132 -3.37 10.84 -10.88
N GLU A 133 -2.45 10.29 -11.67
CA GLU A 133 -2.40 8.85 -11.93
C GLU A 133 -2.08 8.13 -10.62
N PHE A 134 -1.10 8.65 -9.86
CA PHE A 134 -0.80 8.12 -8.52
C PHE A 134 -2.02 8.00 -7.57
N LEU A 135 -2.74 9.10 -7.40
CA LEU A 135 -3.90 9.11 -6.46
C LEU A 135 -5.03 8.13 -6.92
N CYS A 136 -5.30 8.07 -8.23
CA CYS A 136 -6.30 7.09 -8.67
C CYS A 136 -5.85 5.62 -8.56
N MET A 137 -4.56 5.38 -8.73
CA MET A 137 -4.03 4.06 -8.59
C MET A 137 -4.08 3.60 -7.14
N LYS A 138 -3.74 4.50 -6.21
CA LYS A 138 -3.72 4.14 -4.80
C LYS A 138 -5.19 3.93 -4.27
N ALA A 139 -6.13 4.69 -4.82
CA ALA A 139 -7.54 4.51 -4.43
C ALA A 139 -8.01 3.06 -4.84
N LEU A 140 -7.60 2.63 -6.01
CA LEU A 140 -7.89 1.31 -6.50
C LEU A 140 -7.28 0.18 -5.73
N LEU A 141 -6.10 0.44 -5.15
CA LEU A 141 -5.43 -0.56 -4.36
C LEU A 141 -6.29 -0.90 -3.18
N LEU A 142 -7.11 0.06 -2.71
CA LEU A 142 -8.03 -0.26 -1.62
C LEU A 142 -8.99 -1.38 -1.97
N PHE A 143 -9.28 -1.51 -3.26
CA PHE A 143 -10.31 -2.47 -3.75
C PHE A 143 -9.69 -3.63 -4.49
N SER A 144 -8.47 -4.01 -4.08
CA SER A 144 -7.74 -4.96 -4.87
C SER A 144 -7.43 -6.30 -4.19
N ILE A 145 -8.09 -6.59 -3.05
CA ILE A 145 -7.85 -7.84 -2.29
C ILE A 145 -9.09 -8.21 -1.46
N ILE A 146 -9.65 -9.40 -1.68
CA ILE A 146 -10.89 -9.75 -0.99
C ILE A 146 -10.91 -11.24 -0.69
N PRO A 147 -11.82 -11.71 0.17
CA PRO A 147 -11.96 -13.16 0.40
C PRO A 147 -12.46 -13.92 -0.85
N VAL A 148 -12.02 -15.16 -1.01
CA VAL A 148 -12.44 -15.96 -2.17
C VAL A 148 -13.94 -16.27 -2.13
N ASP A 149 -14.52 -16.46 -0.97
CA ASP A 149 -15.96 -16.65 -1.01
C ASP A 149 -16.79 -15.38 -0.84
N GLY A 150 -16.25 -14.25 -1.34
CA GLY A 150 -16.92 -12.93 -1.33
C GLY A 150 -17.04 -12.15 -0.03
N LEU A 151 -17.37 -10.88 -0.16
CA LEU A 151 -17.71 -10.00 0.94
C LEU A 151 -19.20 -10.12 1.34
N LYS A 152 -19.62 -9.53 2.49
CA LYS A 152 -21.05 -9.46 2.91
C LYS A 152 -21.97 -8.93 1.84
N ASN A 153 -21.61 -7.78 1.24
CA ASN A 153 -22.25 -7.32 -0.01
C ASN A 153 -21.29 -7.11 -1.20
N GLN A 154 -21.03 -8.22 -1.91
CA GLN A 154 -20.10 -8.30 -3.00
C GLN A 154 -20.56 -7.44 -4.17
N LYS A 155 -21.86 -7.33 -4.38
CA LYS A 155 -22.37 -6.55 -5.53
C LYS A 155 -22.00 -5.06 -5.42
N PHE A 156 -22.19 -4.50 -4.23
CA PHE A 156 -21.84 -3.10 -3.97
C PHE A 156 -20.33 -2.90 -4.16
N PHE A 157 -19.53 -3.87 -3.70
CA PHE A 157 -18.07 -3.85 -3.94
C PHE A 157 -17.70 -3.85 -5.41
N ASP A 158 -18.28 -4.76 -6.19
CA ASP A 158 -18.01 -4.85 -7.66
C ASP A 158 -18.31 -3.57 -8.45
N GLU A 159 -19.46 -2.94 -8.13
CA GLU A 159 -19.82 -1.69 -8.73
C GLU A 159 -18.80 -0.57 -8.41
N LEU A 160 -18.44 -0.48 -7.15
CA LEU A 160 -17.50 0.50 -6.68
C LEU A 160 -16.14 0.34 -7.40
N ARG A 161 -15.65 -0.88 -7.38
CA ARG A 161 -14.38 -1.13 -8.00
C ARG A 161 -14.45 -0.82 -9.53
N MET A 162 -15.51 -1.27 -10.19
CA MET A 162 -15.70 -0.87 -11.61
C MET A 162 -15.52 0.66 -11.78
N ASN A 163 -16.15 1.43 -10.86
CA ASN A 163 -16.15 2.89 -10.97
C ASN A 163 -14.76 3.43 -10.71
N TYR A 164 -13.97 2.74 -9.87
CA TYR A 164 -12.59 3.22 -9.66
C TYR A 164 -11.70 2.94 -10.86
N ILE A 165 -11.92 1.79 -11.53
CA ILE A 165 -11.22 1.53 -12.78
C ILE A 165 -11.54 2.61 -13.86
N LYS A 166 -12.81 3.03 -13.92
CA LYS A 166 -13.28 3.94 -14.94
C LYS A 166 -12.66 5.32 -14.69
N GLU A 167 -12.43 5.68 -13.42
CA GLU A 167 -11.88 7.00 -13.11
C GLU A 167 -10.39 7.06 -13.47
N LEU A 168 -9.70 5.94 -13.35
CA LEU A 168 -8.31 5.83 -13.75
C LEU A 168 -8.18 5.92 -15.26
N ASP A 169 -8.97 5.11 -15.97
CA ASP A 169 -9.07 5.17 -17.43
C ASP A 169 -9.36 6.62 -17.86
N ARG A 170 -10.24 7.34 -17.16
CA ARG A 170 -10.54 8.75 -17.50
C ARG A 170 -9.32 9.75 -17.22
N ILE A 171 -8.61 9.56 -16.09
CA ILE A 171 -7.45 10.39 -15.69
C ILE A 171 -6.31 10.24 -16.71
N ILE A 172 -6.14 9.07 -17.29
CA ILE A 172 -5.32 8.89 -18.48
C ILE A 172 -5.95 9.70 -19.68
N ALA A 173 -7.19 9.38 -20.04
CA ALA A 173 -7.79 9.82 -21.32
C ALA A 173 -8.27 11.30 -21.33
N CYS A 174 -7.90 12.05 -20.29
CA CYS A 174 -7.97 13.51 -20.35
C CYS A 174 -6.57 14.07 -20.72
N LYS A 175 -6.36 14.21 -22.04
CA LYS A 175 -5.13 14.77 -22.63
C LYS A 175 -4.36 13.90 -23.66
N ARG A 176 -5.05 13.20 -24.59
CA ARG A 176 -4.37 12.33 -25.64
C ARG A 176 -5.12 12.14 -26.99
N LYS A 177 -4.35 12.07 -28.09
CA LYS A 177 -4.89 12.21 -29.47
C LYS A 177 -5.27 10.91 -30.19
N ASN A 178 -4.53 10.61 -31.27
CA ASN A 178 -4.67 9.34 -32.01
C ASN A 178 -4.07 8.10 -31.25
N PRO A 179 -4.95 7.13 -30.85
CA PRO A 179 -4.74 6.26 -29.62
C PRO A 179 -4.23 4.78 -29.64
N THR A 180 -2.97 4.53 -30.03
CA THR A 180 -2.20 3.36 -29.51
C THR A 180 -1.63 3.77 -28.14
N SER A 181 -1.46 5.09 -27.97
CA SER A 181 -0.90 5.70 -26.78
C SER A 181 -1.78 5.39 -25.60
N CYS A 182 -3.10 5.59 -25.75
CA CYS A 182 -4.00 5.33 -24.62
C CYS A 182 -4.16 3.83 -24.19
N SER A 183 -4.12 2.89 -25.12
CA SER A 183 -4.06 1.47 -24.72
C SER A 183 -2.78 1.10 -24.01
N ARG A 184 -1.64 1.37 -24.66
CA ARG A 184 -0.29 1.15 -24.07
C ARG A 184 -0.25 1.72 -22.63
N ARG A 185 -0.76 2.91 -22.41
CA ARG A 185 -0.72 3.50 -21.08
C ARG A 185 -1.56 2.76 -20.00
N PHE A 186 -2.82 2.43 -20.33
CA PHE A 186 -3.66 1.68 -19.39
C PHE A 186 -3.02 0.33 -19.07
N TYR A 187 -2.48 -0.32 -20.11
CA TYR A 187 -1.73 -1.56 -19.98
C TYR A 187 -0.55 -1.43 -18.97
N GLN A 188 0.38 -0.49 -19.20
CA GLN A 188 1.45 -0.06 -18.26
C GLN A 188 0.99 0.11 -16.82
N LEU A 189 0.01 0.99 -16.57
CA LEU A 189 -0.49 1.21 -15.21
C LEU A 189 -1.16 0.01 -14.50
N THR A 190 -1.96 -0.78 -15.22
CA THR A 190 -2.50 -2.03 -14.63
C THR A 190 -1.40 -3.05 -14.38
N LYS A 191 -0.37 -3.08 -15.22
CA LYS A 191 0.88 -3.82 -14.87
C LYS A 191 1.58 -3.26 -13.58
N LEU A 192 1.75 -1.94 -13.46
CA LEU A 192 2.35 -1.42 -12.24
C LEU A 192 1.55 -1.85 -10.99
N LEU A 193 0.24 -1.67 -11.04
CA LEU A 193 -0.64 -2.07 -9.96
C LEU A 193 -0.57 -3.55 -9.59
N ASP A 194 -0.65 -4.44 -10.57
CA ASP A 194 -0.54 -5.91 -10.32
C ASP A 194 0.79 -6.20 -9.60
N SER A 195 1.86 -5.53 -10.03
CA SER A 195 3.20 -5.67 -9.39
C SER A 195 3.30 -5.30 -7.89
N VAL A 196 2.41 -4.45 -7.37
CA VAL A 196 2.41 -4.22 -5.92
C VAL A 196 2.13 -5.52 -5.18
N GLN A 197 1.36 -6.44 -5.75
CA GLN A 197 0.81 -7.54 -4.93
C GLN A 197 1.82 -8.57 -4.41
N PRO A 198 2.75 -9.02 -5.28
CA PRO A 198 3.71 -10.03 -4.82
C PRO A 198 4.65 -9.45 -3.73
N ILE A 199 5.01 -8.17 -3.86
CA ILE A 199 5.71 -7.40 -2.80
C ILE A 199 4.94 -7.36 -1.44
N ALA A 200 3.70 -6.86 -1.47
CA ALA A 200 2.84 -6.89 -0.30
C ALA A 200 2.85 -8.28 0.36
N ARG A 201 2.71 -9.33 -0.45
CA ARG A 201 2.66 -10.70 0.04
C ARG A 201 3.94 -11.21 0.72
N GLU A 202 5.09 -10.94 0.11
CA GLU A 202 6.38 -11.09 0.84
C GLU A 202 6.38 -10.41 2.20
N LEU A 203 5.88 -9.18 2.27
CA LEU A 203 5.94 -8.50 3.58
C LEU A 203 4.90 -9.08 4.53
N HIS A 204 3.79 -9.59 4.00
CA HIS A 204 2.85 -10.31 4.86
C HIS A 204 3.51 -11.55 5.54
N GLN A 205 4.15 -12.44 4.78
CA GLN A 205 4.93 -13.58 5.37
C GLN A 205 5.94 -13.09 6.41
N PHE A 206 6.79 -12.16 5.98
CA PHE A 206 7.78 -11.59 6.90
C PHE A 206 7.25 -11.09 8.30
N THR A 207 6.33 -10.14 8.29
CA THR A 207 5.78 -9.61 9.52
C THR A 207 4.99 -10.66 10.33
N PHE A 208 4.33 -11.59 9.65
CA PHE A 208 3.69 -12.70 10.41
C PHE A 208 4.79 -13.51 11.12
N ASP A 209 5.79 -13.95 10.34
CA ASP A 209 6.88 -14.73 10.92
C ASP A 209 7.48 -14.01 12.12
N LEU A 210 7.61 -12.70 11.99
CA LEU A 210 8.22 -11.87 13.07
C LEU A 210 7.31 -11.79 14.28
N LEU A 211 6.00 -11.58 14.09
CA LEU A 211 5.13 -11.43 15.23
C LEU A 211 5.27 -12.68 16.13
N ILE A 212 5.37 -13.86 15.48
CA ILE A 212 5.44 -15.16 16.15
C ILE A 212 6.66 -15.29 17.05
N LYS A 213 7.81 -14.79 16.56
CA LYS A 213 9.08 -14.84 17.31
C LYS A 213 9.50 -13.53 17.98
N SER A 214 8.56 -12.62 18.18
CA SER A 214 8.81 -11.22 18.54
C SER A 214 9.39 -11.02 19.94
N HIS A 215 8.90 -11.81 20.90
CA HIS A 215 9.46 -11.96 22.26
C HIS A 215 10.92 -12.52 22.28
N MET A 216 11.26 -13.48 21.42
CA MET A 216 12.63 -14.01 21.37
C MET A 216 13.60 -12.97 20.79
N VAL A 217 13.07 -12.01 20.04
CA VAL A 217 13.90 -11.09 19.25
C VAL A 217 13.72 -9.59 19.67
N SER A 218 13.10 -9.36 20.84
CA SER A 218 12.69 -8.03 21.35
C SER A 218 12.21 -7.00 20.33
N VAL A 219 11.22 -7.36 19.51
CA VAL A 219 10.56 -6.44 18.57
C VAL A 219 9.16 -6.24 19.15
N ASP A 220 8.76 -4.96 19.28
CA ASP A 220 7.41 -4.54 19.74
C ASP A 220 6.42 -4.39 18.58
N PHE A 221 5.23 -4.93 18.78
CA PHE A 221 4.08 -4.71 17.88
C PHE A 221 3.05 -4.03 18.75
N PRO A 222 2.57 -2.84 18.33
CA PRO A 222 1.50 -2.19 19.13
C PRO A 222 0.15 -2.94 18.96
N GLU A 223 -0.87 -2.49 19.69
CA GLU A 223 -2.20 -3.14 19.76
C GLU A 223 -2.78 -3.54 18.42
N MET A 224 -2.99 -2.58 17.52
CA MET A 224 -3.69 -2.89 16.25
C MET A 224 -2.89 -3.74 15.29
N MET A 225 -1.58 -3.51 15.19
CA MET A 225 -0.74 -4.28 14.28
C MET A 225 -0.80 -5.73 14.73
N ALA A 226 -0.64 -5.95 16.02
CA ALA A 226 -0.58 -7.31 16.58
C ALA A 226 -1.86 -8.07 16.31
N GLU A 227 -2.98 -7.36 16.34
CA GLU A 227 -4.27 -7.95 16.17
C GLU A 227 -4.57 -8.28 14.70
N ILE A 228 -4.40 -7.30 13.83
CA ILE A 228 -4.54 -7.51 12.40
C ILE A 228 -3.58 -8.59 11.87
N ILE A 229 -2.37 -8.63 12.43
CA ILE A 229 -1.34 -9.59 11.91
C ILE A 229 -1.62 -11.04 12.35
N SER A 230 -2.35 -11.20 13.45
CA SER A 230 -2.71 -12.50 14.00
C SER A 230 -4.08 -13.01 13.52
N VAL A 231 -4.97 -12.08 13.12
CA VAL A 231 -6.39 -12.39 12.78
C VAL A 231 -6.65 -12.34 11.27
N GLN A 232 -6.18 -11.25 10.60
CA GLN A 232 -6.43 -11.06 9.17
C GLN A 232 -5.29 -11.50 8.30
N VAL A 233 -4.06 -11.21 8.68
CA VAL A 233 -2.97 -11.53 7.80
C VAL A 233 -2.91 -13.08 7.52
N PRO A 234 -3.15 -13.95 8.55
CA PRO A 234 -3.07 -15.41 8.18
C PRO A 234 -4.19 -15.84 7.20
N LYS A 235 -5.27 -15.07 7.09
CA LYS A 235 -6.29 -15.47 6.09
C LYS A 235 -5.72 -15.23 4.72
N ILE A 236 -4.82 -14.26 4.59
CA ILE A 236 -4.12 -14.07 3.31
C ILE A 236 -3.07 -15.20 3.03
N LEU A 237 -2.26 -15.53 4.04
CA LEU A 237 -1.22 -16.53 3.91
C LEU A 237 -1.79 -17.93 3.58
N SER A 238 -2.94 -18.25 4.20
CA SER A 238 -3.61 -19.54 4.02
C SER A 238 -4.42 -19.60 2.75
N GLY A 239 -4.49 -18.50 2.01
CA GLY A 239 -5.28 -18.43 0.79
C GLY A 239 -6.80 -18.25 0.92
N LYS A 240 -7.30 -17.83 2.05
CA LYS A 240 -8.77 -17.54 2.21
C LYS A 240 -9.14 -16.15 1.65
N VAL A 241 -8.12 -15.32 1.46
CA VAL A 241 -8.24 -13.95 0.94
C VAL A 241 -7.16 -13.78 -0.11
N LYS A 242 -7.51 -13.23 -1.27
CA LYS A 242 -6.59 -13.22 -2.42
C LYS A 242 -6.70 -11.90 -3.22
N PRO A 243 -5.56 -11.40 -3.71
CA PRO A 243 -5.56 -10.19 -4.54
C PRO A 243 -6.34 -10.37 -5.85
N ILE A 244 -6.87 -9.25 -6.36
CA ILE A 244 -7.54 -9.22 -7.65
C ILE A 244 -6.51 -8.67 -8.65
N TYR A 245 -5.90 -9.53 -9.47
CA TYR A 245 -5.00 -9.14 -10.57
C TYR A 245 -5.72 -8.69 -11.85
N PHE A 246 -5.16 -7.72 -12.59
CA PHE A 246 -5.66 -7.40 -13.94
C PHE A 246 -5.26 -8.47 -14.98
N HIS A 247 -3.98 -8.80 -15.04
CA HIS A 247 -3.45 -9.80 -15.94
C HIS A 247 -3.18 -11.05 -15.16
N THR A 248 -3.24 -12.20 -15.84
CA THR A 248 -2.96 -13.46 -15.13
C THR A 248 -1.44 -13.59 -14.82
N GLN A 249 -1.11 -14.13 -13.65
CA GLN A 249 0.28 -14.25 -13.26
C GLN A 249 0.67 -15.66 -13.67
S SO4 B . 21.50 -6.44 15.01
O1 SO4 B . 20.53 -5.50 14.44
O2 SO4 B . 21.07 -6.70 16.39
O3 SO4 B . 21.48 -7.61 14.08
O4 SO4 B . 22.82 -5.82 15.06
C1 TES C . 5.02 0.87 7.43
C2 TES C . 4.47 2.07 6.65
C3 TES C . 5.25 2.16 5.38
O3 TES C . 5.49 3.27 4.87
C4 TES C . 5.71 0.88 4.76
C5 TES C . 5.62 -0.34 5.35
C6 TES C . 6.29 -1.53 4.63
C7 TES C . 6.91 -2.58 5.58
C8 TES C . 6.09 -2.86 6.82
C9 TES C . 5.69 -1.55 7.54
C10 TES C . 4.93 -0.48 6.69
C11 TES C . 4.99 -1.77 8.89
C12 TES C . 5.66 -2.83 9.80
C13 TES C . 6.08 -4.08 9.00
C14 TES C . 6.92 -3.67 7.82
C15 TES C . 7.64 -4.97 7.38
C16 TES C . 7.79 -5.81 8.65
C17 TES C . 7.11 -4.95 9.69
O17 TES C . 6.55 -5.71 10.74
C18 TES C . 4.81 -4.79 8.50
C19 TES C . 3.43 -0.85 6.55
C1 AV6 D . -10.10 0.14 12.48
C2 AV6 D . -11.08 1.13 12.91
C3 AV6 D . -10.89 1.85 14.06
C4 AV6 D . -9.76 1.63 14.81
C5 AV6 D . -8.79 0.70 14.45
C6 AV6 D . -8.89 -0.06 13.31
C7 AV6 D . -7.94 -0.98 12.93
C8 AV6 D . -8.18 -1.69 11.76
C9 AV6 D . -9.32 -1.53 10.94
C10 AV6 D . -10.31 -0.65 11.25
N11 AV6 D . -11.41 -0.46 10.53
C12 AV6 D . -12.37 0.56 10.95
N13 AV6 D . -12.15 1.33 12.17
C15 AV6 D . -13.76 0.61 10.52
C16 AV6 D . -14.70 1.28 11.33
C17 AV6 D . -16.03 1.35 10.95
C18 AV6 D . -16.39 0.72 9.68
C19 AV6 D . -15.41 0.11 8.91
C20 AV6 D . -14.12 0.06 9.33
O21 AV6 D . -17.65 0.75 9.20
O22 AV6 D . -16.97 1.97 11.71
#